data_3HDF
#
_entry.id   3HDF
#
_cell.length_a   64.190
_cell.length_b   109.673
_cell.length_c   45.015
_cell.angle_alpha   90.000
_cell.angle_beta   90.000
_cell.angle_gamma   90.000
#
_symmetry.space_group_name_H-M   'P 21 21 2'
#
loop_
_entity.id
_entity.type
_entity.pdbx_description
1 polymer Lysozyme
2 non-polymer 'NITRATE ION'
3 non-polymer GLYCEROL
4 water water
#
_entity_poly.entity_id   1
_entity_poly.type   'polypeptide(L)'
_entity_poly.pdbx_seq_one_letter_code
;MGPSGNDGLEGVSYIPYKDIVGVWTVCHGHTGKDIMLGKTYTKAECKALLNKDLATVARQINPYIKVDIPETMRGALYSF
VYNVGAGNFRTSTLLRKINQGDIKGACDQLRRWTYAGGKQWKGLMTRREIEREICLWGQQ
;
_entity_poly.pdbx_strand_id   A,B
#
# COMPACT_ATOMS: atom_id res chain seq x y z
N ASP A 7 6.89 -21.79 9.96
CA ASP A 7 6.38 -22.38 8.72
C ASP A 7 6.72 -21.51 7.51
N GLY A 8 7.91 -21.70 6.97
CA GLY A 8 8.37 -20.91 5.84
C GLY A 8 7.49 -21.04 4.61
N LEU A 9 7.43 -19.98 3.80
CA LEU A 9 6.68 -20.01 2.56
C LEU A 9 7.41 -20.80 1.47
N GLU A 10 6.64 -21.47 0.62
CA GLU A 10 7.21 -22.20 -0.51
C GLU A 10 8.01 -21.27 -1.41
N GLY A 11 9.22 -21.68 -1.76
CA GLY A 11 10.03 -20.94 -2.70
C GLY A 11 10.73 -19.71 -2.14
N VAL A 12 10.65 -19.50 -0.83
CA VAL A 12 11.41 -18.44 -0.20
C VAL A 12 12.64 -19.01 0.49
N SER A 13 13.81 -18.47 0.16
CA SER A 13 15.02 -18.85 0.87
C SER A 13 15.22 -17.93 2.07
N TYR A 14 15.34 -18.52 3.24
CA TYR A 14 15.55 -17.72 4.44
C TYR A 14 17.02 -17.57 4.80
N ILE A 15 17.89 -18.26 4.07
CA ILE A 15 19.33 -18.10 4.24
C ILE A 15 19.88 -17.55 2.92
N PRO A 16 20.72 -16.50 3.00
CA PRO A 16 21.20 -15.89 1.74
C PRO A 16 21.93 -16.89 0.86
N TYR A 17 21.75 -16.71 -0.45
CA TYR A 17 22.42 -17.56 -1.44
C TYR A 17 22.90 -16.68 -2.57
N LYS A 18 23.86 -17.18 -3.34
CA LYS A 18 24.31 -16.45 -4.53
C LYS A 18 23.49 -16.88 -5.75
N ASP A 19 22.96 -15.90 -6.48
CA ASP A 19 22.21 -16.20 -7.69
C ASP A 19 23.17 -16.50 -8.83
N ILE A 20 22.63 -16.70 -10.03
CA ILE A 20 23.44 -17.14 -11.15
C ILE A 20 24.53 -16.11 -11.50
N VAL A 21 24.19 -14.83 -11.43
CA VAL A 21 25.14 -13.77 -11.77
C VAL A 21 25.99 -13.37 -10.55
N GLY A 22 25.92 -14.18 -9.49
CA GLY A 22 26.84 -14.07 -8.37
C GLY A 22 26.41 -13.16 -7.23
N VAL A 23 25.19 -12.64 -7.32
CA VAL A 23 24.70 -11.63 -6.37
C VAL A 23 24.04 -12.31 -5.18
N TRP A 24 24.40 -11.86 -3.98
CA TRP A 24 23.77 -12.41 -2.78
C TRP A 24 22.30 -12.01 -2.73
N THR A 25 21.43 -12.96 -2.42
CA THR A 25 20.00 -12.74 -2.46
C THR A 25 19.38 -13.48 -1.28
N VAL A 26 18.26 -12.97 -0.77
CA VAL A 26 17.59 -13.66 0.33
C VAL A 26 16.13 -13.23 0.38
N CYS A 27 15.28 -14.04 1.01
CA CYS A 27 13.87 -13.65 1.20
C CYS A 27 13.17 -13.47 -0.14
N HIS A 28 12.41 -12.38 -0.29
CA HIS A 28 11.63 -12.20 -1.51
C HIS A 28 12.46 -11.55 -2.62
N GLY A 29 13.53 -12.23 -3.04
CA GLY A 29 14.43 -11.70 -4.05
C GLY A 29 15.20 -10.46 -3.62
N HIS A 30 15.34 -10.27 -2.30
CA HIS A 30 16.08 -9.11 -1.80
C HIS A 30 17.58 -9.20 -2.11
N THR A 31 18.14 -8.11 -2.60
CA THR A 31 19.58 -7.97 -2.80
C THR A 31 20.00 -6.67 -2.14
N GLY A 32 21.25 -6.59 -1.72
CA GLY A 32 21.73 -5.36 -1.12
C GLY A 32 22.83 -5.57 -0.11
N LYS A 33 23.52 -4.49 0.22
CA LYS A 33 24.64 -4.54 1.13
C LYS A 33 24.19 -4.80 2.57
N ASP A 34 22.88 -4.82 2.81
CA ASP A 34 22.36 -5.01 4.16
C ASP A 34 22.24 -6.48 4.56
N ILE A 35 22.41 -7.37 3.60
CA ILE A 35 22.27 -8.80 3.87
C ILE A 35 23.37 -9.30 4.80
N MET A 36 22.97 -10.08 5.81
CA MET A 36 23.92 -10.71 6.72
C MET A 36 24.16 -12.14 6.27
N LEU A 37 25.35 -12.41 5.75
CA LEU A 37 25.65 -13.73 5.20
C LEU A 37 25.57 -14.80 6.28
N GLY A 38 24.94 -15.92 5.97
CA GLY A 38 24.84 -17.03 6.91
C GLY A 38 23.70 -16.92 7.89
N LYS A 39 23.09 -15.73 7.99
CA LYS A 39 21.95 -15.53 8.90
C LYS A 39 20.71 -16.27 8.43
N THR A 40 20.00 -16.91 9.35
CA THR A 40 18.71 -17.49 9.03
C THR A 40 17.65 -16.45 9.35
N TYR A 41 17.07 -15.87 8.31
CA TYR A 41 16.04 -14.83 8.47
C TYR A 41 14.71 -15.42 8.91
N THR A 42 13.99 -14.67 9.74
CA THR A 42 12.64 -15.06 10.11
C THR A 42 11.67 -14.57 9.04
N LYS A 43 10.45 -15.11 9.05
CA LYS A 43 9.42 -14.64 8.14
C LYS A 43 9.17 -13.14 8.29
N ALA A 44 9.11 -12.66 9.52
CA ALA A 44 8.92 -11.22 9.77
C ALA A 44 10.06 -10.38 9.19
N GLU A 45 11.28 -10.91 9.27
CA GLU A 45 12.42 -10.17 8.73
C GLU A 45 12.37 -10.14 7.21
N CYS A 46 11.94 -11.24 6.61
CA CYS A 46 11.77 -11.27 5.16
C CYS A 46 10.71 -10.27 4.72
N LYS A 47 9.65 -10.13 5.52
CA LYS A 47 8.59 -9.20 5.15
C LYS A 47 9.07 -7.76 5.32
N ALA A 48 9.92 -7.53 6.31
CA ALA A 48 10.52 -6.22 6.51
C ALA A 48 11.41 -5.83 5.32
N LEU A 49 12.15 -6.79 4.78
CA LEU A 49 12.98 -6.52 3.61
C LEU A 49 12.10 -6.20 2.41
N LEU A 50 10.97 -6.89 2.31
CA LEU A 50 10.07 -6.65 1.18
C LEU A 50 9.46 -5.27 1.31
N ASN A 51 9.07 -4.91 2.52
CA ASN A 51 8.56 -3.58 2.80
C ASN A 51 9.55 -2.50 2.36
N LYS A 52 10.82 -2.73 2.69
CA LYS A 52 11.90 -1.81 2.33
C LYS A 52 12.04 -1.70 0.81
N ASP A 53 11.98 -2.83 0.13
CA ASP A 53 12.14 -2.82 -1.32
C ASP A 53 10.95 -2.20 -2.04
N LEU A 54 9.75 -2.46 -1.56
CA LEU A 54 8.57 -1.87 -2.19
C LEU A 54 8.50 -0.35 -1.93
N ALA A 55 8.97 0.09 -0.77
CA ALA A 55 9.01 1.52 -0.47
C ALA A 55 9.96 2.22 -1.43
N THR A 56 11.04 1.51 -1.78
CA THR A 56 12.02 2.04 -2.73
C THR A 56 11.40 2.16 -4.11
N VAL A 57 10.66 1.13 -4.52
CA VAL A 57 9.91 1.20 -5.76
C VAL A 57 8.93 2.37 -5.74
N ALA A 58 8.21 2.51 -4.64
CA ALA A 58 7.18 3.55 -4.55
C ALA A 58 7.83 4.93 -4.67
N ARG A 59 9.00 5.08 -4.07
CA ARG A 59 9.70 6.36 -4.12
C ARG A 59 10.03 6.71 -5.56
N GLN A 60 10.37 5.70 -6.36
CA GLN A 60 10.72 5.87 -7.77
CA GLN A 60 10.73 5.93 -7.75
C GLN A 60 9.51 6.20 -8.65
N ILE A 61 8.43 5.46 -8.46
CA ILE A 61 7.29 5.59 -9.37
C ILE A 61 6.18 6.54 -8.92
N ASN A 62 6.12 6.90 -7.64
CA ASN A 62 5.02 7.74 -7.20
C ASN A 62 4.90 9.05 -8.00
N PRO A 63 6.05 9.68 -8.32
CA PRO A 63 5.96 10.92 -9.11
C PRO A 63 5.26 10.70 -10.45
N TYR A 64 5.22 9.46 -10.93
CA TYR A 64 4.63 9.17 -12.23
C TYR A 64 3.20 8.67 -12.13
N ILE A 65 2.70 8.56 -10.91
CA ILE A 65 1.31 8.21 -10.70
C ILE A 65 0.59 9.52 -10.40
N LYS A 66 -0.20 10.01 -11.34
CA LYS A 66 -0.73 11.37 -11.26
C LYS A 66 -2.22 11.47 -10.92
N VAL A 67 -2.84 10.33 -10.64
CA VAL A 67 -4.24 10.28 -10.27
C VAL A 67 -4.42 9.49 -8.98
N ASP A 68 -5.51 9.72 -8.26
CA ASP A 68 -5.84 8.93 -7.09
C ASP A 68 -6.26 7.56 -7.56
N ILE A 69 -5.69 6.50 -6.97
CA ILE A 69 -6.05 5.15 -7.33
C ILE A 69 -6.41 4.31 -6.11
N PRO A 70 -7.20 3.24 -6.32
CA PRO A 70 -7.58 2.40 -5.20
C PRO A 70 -6.33 1.84 -4.52
N GLU A 71 -6.35 1.71 -3.20
CA GLU A 71 -5.15 1.28 -2.49
C GLU A 71 -4.71 -0.14 -2.89
N THR A 72 -5.65 -0.96 -3.33
CA THR A 72 -5.31 -2.30 -3.82
C THR A 72 -4.61 -2.26 -5.16
N MET A 73 -4.98 -1.30 -5.99
CA MET A 73 -4.36 -1.14 -7.30
C MET A 73 -2.93 -0.62 -7.09
N ARG A 74 -2.78 0.32 -6.17
CA ARG A 74 -1.47 0.84 -5.81
C ARG A 74 -0.50 -0.26 -5.38
N GLY A 75 -0.94 -1.13 -4.48
CA GLY A 75 -0.09 -2.21 -4.00
C GLY A 75 0.29 -3.11 -5.15
N ALA A 76 -0.67 -3.37 -6.04
CA ALA A 76 -0.43 -4.18 -7.23
C ALA A 76 0.64 -3.57 -8.12
N LEU A 77 0.57 -2.26 -8.31
CA LEU A 77 1.56 -1.58 -9.12
C LEU A 77 2.96 -1.68 -8.53
N TYR A 78 3.07 -1.56 -7.21
CA TYR A 78 4.40 -1.64 -6.63
C TYR A 78 4.98 -3.05 -6.85
N SER A 79 4.15 -4.07 -6.68
CA SER A 79 4.59 -5.44 -6.93
C SER A 79 4.99 -5.65 -8.39
N PHE A 80 4.21 -5.09 -9.31
CA PHE A 80 4.53 -5.19 -10.73
C PHE A 80 5.91 -4.59 -11.00
N VAL A 81 6.12 -3.37 -10.54
CA VAL A 81 7.37 -2.68 -10.86
C VAL A 81 8.58 -3.34 -10.18
N TYR A 82 8.36 -3.86 -8.98
CA TYR A 82 9.41 -4.55 -8.25
C TYR A 82 9.92 -5.72 -9.11
N ASN A 83 8.99 -6.37 -9.80
CA ASN A 83 9.35 -7.54 -10.61
C ASN A 83 9.82 -7.22 -12.02
N VAL A 84 9.19 -6.23 -12.65
CA VAL A 84 9.44 -5.93 -14.05
C VAL A 84 10.52 -4.87 -14.27
N GLY A 85 10.67 -3.98 -13.29
CA GLY A 85 11.65 -2.91 -13.36
C GLY A 85 11.06 -1.57 -13.75
N ALA A 86 11.48 -0.52 -13.05
CA ALA A 86 10.92 0.81 -13.25
C ALA A 86 11.32 1.41 -14.60
N GLY A 87 12.44 0.96 -15.14
CA GLY A 87 12.93 1.46 -16.41
C GLY A 87 12.39 0.74 -17.63
N ASN A 88 11.60 -0.30 -17.40
CA ASN A 88 11.03 -1.05 -18.51
C ASN A 88 9.92 -0.27 -19.20
N PHE A 89 9.86 -0.32 -20.53
CA PHE A 89 8.80 0.39 -21.25
C PHE A 89 7.44 -0.13 -20.81
N ARG A 90 7.39 -1.38 -20.36
CA ARG A 90 6.13 -1.97 -19.89
C ARG A 90 5.61 -1.22 -18.67
N THR A 91 6.52 -0.77 -17.82
CA THR A 91 6.13 0.04 -16.67
C THR A 91 5.63 1.40 -17.12
N SER A 92 6.34 2.02 -18.06
CA SER A 92 5.97 3.36 -18.50
C SER A 92 4.59 3.35 -19.17
N THR A 93 4.32 2.33 -19.98
CA THR A 93 3.04 2.29 -20.68
C THR A 93 1.90 1.99 -19.72
N LEU A 94 2.17 1.14 -18.74
CA LEU A 94 1.15 0.78 -17.76
C LEU A 94 0.73 2.01 -16.97
N LEU A 95 1.70 2.77 -16.47
CA LEU A 95 1.40 3.97 -15.69
C LEU A 95 0.68 5.01 -16.51
N ARG A 96 1.11 5.19 -17.76
CA ARG A 96 0.42 6.15 -18.64
C ARG A 96 -1.05 5.79 -18.87
N LYS A 97 -1.35 4.52 -19.08
CA LYS A 97 -2.73 4.10 -19.26
C LYS A 97 -3.58 4.34 -18.01
N ILE A 98 -3.01 4.05 -16.85
CA ILE A 98 -3.73 4.31 -15.60
C ILE A 98 -4.00 5.81 -15.40
N ASN A 99 -2.98 6.63 -15.67
CA ASN A 99 -3.13 8.08 -15.55
C ASN A 99 -4.23 8.59 -16.46
N GLN A 100 -4.39 7.96 -17.61
CA GLN A 100 -5.41 8.35 -18.58
C GLN A 100 -6.78 7.77 -18.28
N GLY A 101 -6.85 6.85 -17.32
CA GLY A 101 -8.12 6.24 -16.95
C GLY A 101 -8.46 5.08 -17.88
N ASP A 102 -7.47 4.67 -18.66
CA ASP A 102 -7.62 3.55 -19.57
C ASP A 102 -7.29 2.25 -18.85
N ILE A 103 -8.15 1.88 -17.91
CA ILE A 103 -7.93 0.70 -17.09
C ILE A 103 -8.09 -0.57 -17.94
N LYS A 104 -9.01 -0.52 -18.91
CA LYS A 104 -9.18 -1.62 -19.84
C LYS A 104 -7.90 -1.85 -20.64
N GLY A 105 -7.28 -0.76 -21.08
CA GLY A 105 -6.02 -0.84 -21.79
C GLY A 105 -4.91 -1.39 -20.92
N ALA A 106 -4.89 -1.01 -19.64
CA ALA A 106 -3.89 -1.52 -18.72
C ALA A 106 -4.08 -3.02 -18.54
N CYS A 107 -5.33 -3.43 -18.37
CA CYS A 107 -5.66 -4.83 -18.24
C CYS A 107 -5.21 -5.63 -19.48
N ASP A 108 -5.55 -5.11 -20.66
CA ASP A 108 -5.09 -5.75 -21.90
C ASP A 108 -3.58 -5.95 -21.94
N GLN A 109 -2.83 -4.91 -21.55
CA GLN A 109 -1.38 -5.02 -21.54
C GLN A 109 -0.92 -6.18 -20.66
N LEU A 110 -1.42 -6.23 -19.43
CA LEU A 110 -1.02 -7.25 -18.49
C LEU A 110 -1.38 -8.64 -19.00
N ARG A 111 -2.54 -8.73 -19.64
CA ARG A 111 -3.01 -10.05 -20.08
C ARG A 111 -2.23 -10.64 -21.25
N ARG A 112 -1.36 -9.86 -21.88
CA ARG A 112 -0.48 -10.43 -22.89
C ARG A 112 0.53 -11.36 -22.22
N TRP A 113 0.83 -11.09 -20.95
CA TRP A 113 1.92 -11.77 -20.25
C TRP A 113 1.47 -12.88 -19.31
N THR A 114 0.17 -13.14 -19.29
CA THR A 114 -0.39 -14.16 -18.41
C THR A 114 0.35 -15.50 -18.46
N TYR A 115 0.71 -15.93 -19.66
CA TYR A 115 1.34 -17.25 -19.81
C TYR A 115 2.81 -17.21 -20.19
N ALA A 116 3.42 -16.03 -20.08
CA ALA A 116 4.86 -15.92 -20.30
C ALA A 116 5.63 -16.91 -19.43
N GLY A 117 5.43 -16.84 -18.12
CA GLY A 117 6.03 -17.77 -17.18
C GLY A 117 7.54 -17.73 -17.06
N GLY A 118 8.08 -16.56 -16.72
CA GLY A 118 9.51 -16.39 -16.61
C GLY A 118 10.07 -16.53 -15.21
N LYS A 119 10.41 -15.41 -14.59
CA LYS A 119 10.99 -15.39 -13.26
C LYS A 119 10.03 -15.97 -12.25
N GLN A 120 10.54 -16.39 -11.10
CA GLN A 120 9.67 -16.55 -9.96
C GLN A 120 9.25 -15.15 -9.59
N TRP A 121 7.95 -14.89 -9.60
CA TRP A 121 7.44 -13.60 -9.15
C TRP A 121 7.82 -13.46 -7.70
N LYS A 122 8.43 -12.34 -7.35
CA LYS A 122 8.93 -12.16 -6.00
C LYS A 122 7.95 -11.32 -5.21
N GLY A 123 7.77 -11.69 -3.95
CA GLY A 123 6.90 -10.95 -3.05
C GLY A 123 5.75 -11.80 -2.58
N LEU A 124 4.79 -11.17 -1.90
CA LEU A 124 3.67 -11.89 -1.32
C LEU A 124 2.46 -11.94 -2.25
N MET A 125 2.49 -11.10 -3.28
CA MET A 125 1.43 -11.11 -4.29
C MET A 125 1.88 -11.99 -5.44
N THR A 126 0.92 -12.60 -6.14
CA THR A 126 1.20 -13.36 -7.35
C THR A 126 0.95 -12.46 -8.55
N ARG A 127 1.48 -12.85 -9.70
CA ARG A 127 1.19 -12.06 -10.89
C ARG A 127 -0.30 -12.08 -11.23
N ARG A 128 -0.97 -13.20 -10.99
CA ARG A 128 -2.39 -13.28 -11.29
C ARG A 128 -3.18 -12.32 -10.39
N GLU A 129 -2.73 -12.16 -9.14
CA GLU A 129 -3.41 -11.23 -8.23
C GLU A 129 -3.29 -9.78 -8.72
N ILE A 130 -2.14 -9.44 -9.29
CA ILE A 130 -1.98 -8.14 -9.92
C ILE A 130 -2.93 -7.95 -11.09
N GLU A 131 -3.00 -8.95 -11.99
CA GLU A 131 -3.92 -8.88 -13.12
C GLU A 131 -5.35 -8.66 -12.65
N ARG A 132 -5.73 -9.44 -11.65
CA ARG A 132 -7.08 -9.39 -11.11
C ARG A 132 -7.38 -8.01 -10.57
N GLU A 133 -6.42 -7.44 -9.84
CA GLU A 133 -6.64 -6.14 -9.24
C GLU A 133 -6.91 -5.08 -10.31
N ILE A 134 -6.06 -5.00 -11.33
CA ILE A 134 -6.24 -4.00 -12.37
C ILE A 134 -7.44 -4.29 -13.27
N CYS A 135 -7.60 -5.56 -13.66
CA CYS A 135 -8.64 -5.92 -14.60
C CYS A 135 -10.05 -5.84 -14.03
N LEU A 136 -10.19 -6.11 -12.74
CA LEU A 136 -11.52 -6.08 -12.14
C LEU A 136 -12.05 -4.64 -12.05
N TRP A 137 -11.15 -3.67 -12.15
CA TRP A 137 -11.55 -2.27 -12.19
C TRP A 137 -11.95 -1.83 -13.60
N GLY A 138 -11.44 -2.56 -14.59
CA GLY A 138 -11.74 -2.25 -15.98
C GLY A 138 -13.14 -2.69 -16.35
N GLN A 139 -13.65 -3.70 -15.66
CA GLN A 139 -15.00 -4.19 -15.87
C GLN A 139 -16.02 -3.20 -15.32
N ASP B 7 -14.10 28.00 6.07
CA ASP B 7 -13.43 27.68 4.81
C ASP B 7 -13.23 26.18 4.65
N GLY B 8 -13.57 25.65 3.48
CA GLY B 8 -13.32 24.25 3.17
C GLY B 8 -11.85 23.91 3.28
N LEU B 9 -11.55 22.65 3.56
CA LEU B 9 -10.17 22.20 3.66
C LEU B 9 -9.51 22.08 2.29
N GLU B 10 -8.24 22.40 2.24
CA GLU B 10 -7.47 22.28 1.01
C GLU B 10 -7.48 20.84 0.50
N GLY B 11 -7.89 20.67 -0.75
CA GLY B 11 -7.82 19.36 -1.38
C GLY B 11 -9.01 18.46 -1.11
N VAL B 12 -10.00 18.97 -0.38
CA VAL B 12 -11.22 18.20 -0.17
C VAL B 12 -12.31 18.66 -1.12
N SER B 13 -12.91 17.71 -1.82
CA SER B 13 -14.04 17.99 -2.69
C SER B 13 -15.34 17.83 -1.92
N TYR B 14 -16.12 18.90 -1.86
CA TYR B 14 -17.40 18.85 -1.16
C TYR B 14 -18.58 18.48 -2.05
N ILE B 15 -18.34 18.35 -3.35
CA ILE B 15 -19.36 17.84 -4.26
C ILE B 15 -18.85 16.54 -4.85
N PRO B 16 -19.70 15.51 -4.92
CA PRO B 16 -19.22 14.20 -5.38
C PRO B 16 -18.69 14.26 -6.80
N TYR B 17 -17.68 13.45 -7.07
CA TYR B 17 -17.06 13.39 -8.40
C TYR B 17 -16.73 11.93 -8.65
N LYS B 18 -16.57 11.56 -9.92
CA LYS B 18 -16.12 10.21 -10.25
C LYS B 18 -14.61 10.14 -10.27
N ASP B 19 -14.03 9.15 -9.58
CA ASP B 19 -12.58 9.00 -9.57
C ASP B 19 -12.13 8.30 -10.84
N ILE B 20 -10.85 7.99 -10.91
CA ILE B 20 -10.25 7.44 -12.13
C ILE B 20 -10.87 6.13 -12.56
N VAL B 21 -11.35 5.32 -11.60
CA VAL B 21 -11.95 4.02 -11.93
C VAL B 21 -13.48 4.09 -12.01
N GLY B 22 -14.03 5.30 -12.02
CA GLY B 22 -15.45 5.50 -12.29
C GLY B 22 -16.35 5.46 -11.05
N VAL B 23 -15.74 5.46 -9.86
CA VAL B 23 -16.46 5.35 -8.60
C VAL B 23 -16.77 6.74 -8.02
N TRP B 24 -18.02 6.97 -7.64
CA TRP B 24 -18.39 8.24 -7.04
C TRP B 24 -17.71 8.41 -5.69
N THR B 25 -17.13 9.59 -5.45
CA THR B 25 -16.35 9.86 -4.26
C THR B 25 -16.66 11.26 -3.75
N VAL B 26 -16.58 11.48 -2.44
CA VAL B 26 -16.79 12.83 -1.93
C VAL B 26 -16.07 12.96 -0.58
N CYS B 27 -15.81 14.19 -0.15
CA CYS B 27 -15.22 14.43 1.18
C CYS B 27 -13.84 13.77 1.31
N HIS B 28 -13.61 13.04 2.41
CA HIS B 28 -12.29 12.47 2.63
C HIS B 28 -12.13 11.11 1.97
N GLY B 29 -12.26 11.09 0.65
CA GLY B 29 -12.16 9.84 -0.09
C GLY B 29 -13.32 8.90 0.16
N HIS B 30 -14.43 9.43 0.66
CA HIS B 30 -15.59 8.57 0.90
C HIS B 30 -16.21 8.04 -0.38
N THR B 31 -16.49 6.74 -0.39
CA THR B 31 -17.26 6.09 -1.46
C THR B 31 -18.38 5.28 -0.82
N GLY B 32 -19.47 5.12 -1.56
CA GLY B 32 -20.57 4.30 -1.05
C GLY B 32 -21.91 4.71 -1.61
N LYS B 33 -22.89 3.83 -1.45
CA LYS B 33 -24.23 4.06 -1.99
C LYS B 33 -24.99 5.14 -1.24
N ASP B 34 -24.38 5.70 -0.20
CA ASP B 34 -25.04 6.76 0.57
C ASP B 34 -24.79 8.15 0.00
N ILE B 35 -23.89 8.26 -0.96
CA ILE B 35 -23.59 9.56 -1.54
C ILE B 35 -24.77 10.12 -2.33
N MET B 36 -25.06 11.39 -2.10
CA MET B 36 -26.10 12.07 -2.85
C MET B 36 -25.45 12.88 -3.97
N LEU B 37 -25.64 12.42 -5.19
CA LEU B 37 -25.02 13.04 -6.35
C LEU B 37 -25.48 14.49 -6.45
N GLY B 38 -24.54 15.40 -6.67
CA GLY B 38 -24.88 16.80 -6.87
C GLY B 38 -24.96 17.62 -5.58
N LYS B 39 -25.08 16.93 -4.45
CA LYS B 39 -25.18 17.62 -3.16
C LYS B 39 -23.87 18.31 -2.79
N THR B 40 -23.96 19.53 -2.27
CA THR B 40 -22.78 20.17 -1.72
C THR B 40 -22.71 19.88 -0.22
N TYR B 41 -21.73 19.07 0.16
CA TYR B 41 -21.58 18.66 1.55
C TYR B 41 -20.94 19.74 2.41
N THR B 42 -21.36 19.83 3.68
CA THR B 42 -20.74 20.74 4.62
C THR B 42 -19.54 20.04 5.24
N LYS B 43 -18.65 20.83 5.83
CA LYS B 43 -17.52 20.28 6.57
C LYS B 43 -17.97 19.28 7.63
N ALA B 44 -19.04 19.61 8.35
CA ALA B 44 -19.61 18.70 9.35
C ALA B 44 -20.05 17.38 8.73
N GLU B 45 -20.63 17.43 7.54
CA GLU B 45 -21.08 16.20 6.88
C GLU B 45 -19.90 15.36 6.40
N CYS B 46 -18.86 16.03 5.93
CA CYS B 46 -17.64 15.34 5.51
C CYS B 46 -17.02 14.63 6.71
N LYS B 47 -17.06 15.27 7.88
CA LYS B 47 -16.46 14.63 9.07
C LYS B 47 -17.32 13.46 9.52
N ALA B 48 -18.64 13.59 9.38
CA ALA B 48 -19.54 12.49 9.67
C ALA B 48 -19.25 11.28 8.79
N LEU B 49 -18.96 11.52 7.52
CA LEU B 49 -18.64 10.42 6.61
C LEU B 49 -17.31 9.78 7.01
N LEU B 50 -16.35 10.60 7.42
CA LEU B 50 -15.06 10.05 7.87
C LEU B 50 -15.24 9.22 9.14
N ASN B 51 -16.07 9.72 10.06
CA ASN B 51 -16.33 8.99 11.29
C ASN B 51 -16.91 7.60 10.97
N LYS B 52 -17.82 7.56 10.01
CA LYS B 52 -18.44 6.33 9.56
C LYS B 52 -17.42 5.37 8.94
N ASP B 53 -16.54 5.90 8.10
CA ASP B 53 -15.53 5.08 7.44
C ASP B 53 -14.48 4.57 8.41
N LEU B 54 -14.08 5.41 9.36
CA LEU B 54 -13.09 4.97 10.35
C LEU B 54 -13.66 3.90 11.28
N ALA B 55 -14.95 4.01 11.59
CA ALA B 55 -15.61 3.03 12.45
C ALA B 55 -15.60 1.68 11.74
N THR B 56 -15.75 1.73 10.43
CA THR B 56 -15.75 0.51 9.61
C THR B 56 -14.36 -0.12 9.62
N VAL B 57 -13.32 0.70 9.45
CA VAL B 57 -11.95 0.19 9.58
C VAL B 57 -11.73 -0.43 10.95
N ALA B 58 -12.22 0.24 11.98
CA ALA B 58 -12.03 -0.24 13.34
C ALA B 58 -12.66 -1.62 13.54
N ARG B 59 -13.86 -1.80 13.01
CA ARG B 59 -14.51 -3.11 13.13
C ARG B 59 -13.66 -4.19 12.48
N GLN B 60 -13.01 -3.85 11.37
CA GLN B 60 -12.16 -4.77 10.62
C GLN B 60 -10.87 -5.15 11.37
N ILE B 61 -10.19 -4.17 11.95
CA ILE B 61 -8.86 -4.45 12.49
C ILE B 61 -8.81 -4.66 14.00
N ASN B 62 -9.80 -4.18 14.74
CA ASN B 62 -9.73 -4.31 16.19
C ASN B 62 -9.54 -5.77 16.68
N PRO B 63 -10.15 -6.76 16.00
CA PRO B 63 -9.94 -8.16 16.39
C PRO B 63 -8.49 -8.59 16.31
N TYR B 64 -7.68 -7.83 15.58
CA TYR B 64 -6.28 -8.17 15.36
C TYR B 64 -5.36 -7.33 16.23
N ILE B 65 -5.93 -6.42 17.00
CA ILE B 65 -5.16 -5.65 17.97
C ILE B 65 -5.36 -6.32 19.32
N LYS B 66 -4.30 -6.90 19.86
CA LYS B 66 -4.45 -7.77 21.03
C LYS B 66 -3.78 -7.20 22.29
N VAL B 67 -3.34 -5.96 22.20
CA VAL B 67 -2.71 -5.28 23.32
C VAL B 67 -3.41 -3.96 23.58
N ASP B 68 -3.27 -3.45 24.79
CA ASP B 68 -3.89 -2.19 25.16
C ASP B 68 -2.97 -1.08 24.65
N ILE B 69 -3.48 -0.24 23.75
CA ILE B 69 -2.68 0.83 23.18
C ILE B 69 -3.28 2.19 23.46
N PRO B 70 -2.42 3.22 23.51
CA PRO B 70 -2.88 4.59 23.73
C PRO B 70 -3.94 4.96 22.70
N GLU B 71 -4.94 5.72 23.11
CA GLU B 71 -6.05 6.10 22.23
C GLU B 71 -5.55 6.89 21.02
N THR B 72 -4.46 7.62 21.19
CA THR B 72 -3.87 8.36 20.07
C THR B 72 -3.24 7.44 19.03
N MET B 73 -2.65 6.33 19.50
CA MET B 73 -2.06 5.36 18.60
C MET B 73 -3.15 4.63 17.83
N ARG B 74 -4.22 4.25 18.52
CA ARG B 74 -5.34 3.58 17.86
C ARG B 74 -5.96 4.41 16.75
N GLY B 75 -6.23 5.69 17.01
CA GLY B 75 -6.75 6.60 16.01
C GLY B 75 -5.83 6.65 14.79
N ALA B 76 -4.53 6.69 15.04
CA ALA B 76 -3.55 6.71 13.96
C ALA B 76 -3.62 5.43 13.14
N LEU B 77 -3.80 4.30 13.82
CA LEU B 77 -3.91 3.03 13.11
C LEU B 77 -5.15 3.01 12.22
N TYR B 78 -6.26 3.56 12.71
CA TYR B 78 -7.46 3.58 11.89
C TYR B 78 -7.22 4.37 10.61
N SER B 79 -6.56 5.51 10.74
CA SER B 79 -6.26 6.35 9.57
CA SER B 79 -6.25 6.35 9.58
C SER B 79 -5.29 5.65 8.63
N PHE B 80 -4.29 5.01 9.19
CA PHE B 80 -3.32 4.27 8.39
C PHE B 80 -4.06 3.22 7.55
N VAL B 81 -4.87 2.39 8.20
CA VAL B 81 -5.54 1.32 7.48
C VAL B 81 -6.59 1.84 6.50
N TYR B 82 -7.24 2.95 6.84
CA TYR B 82 -8.18 3.57 5.93
C TYR B 82 -7.49 3.86 4.59
N ASN B 83 -6.23 4.25 4.67
CA ASN B 83 -5.47 4.64 3.47
C ASN B 83 -4.71 3.49 2.80
N VAL B 84 -4.20 2.56 3.58
CA VAL B 84 -3.36 1.48 3.05
C VAL B 84 -4.13 0.19 2.73
N GLY B 85 -5.24 -0.03 3.43
CA GLY B 85 -6.07 -1.21 3.23
C GLY B 85 -5.88 -2.29 4.29
N ALA B 86 -6.98 -2.83 4.78
CA ALA B 86 -6.92 -3.86 5.81
C ALA B 86 -6.26 -5.13 5.30
N GLY B 87 -6.34 -5.37 3.99
CA GLY B 87 -5.81 -6.60 3.41
C GLY B 87 -4.37 -6.51 2.97
N ASN B 88 -3.79 -5.33 3.13
CA ASN B 88 -2.40 -5.10 2.71
C ASN B 88 -1.43 -5.75 3.69
N PHE B 89 -0.40 -6.44 3.20
CA PHE B 89 0.55 -7.07 4.12
C PHE B 89 1.19 -6.00 5.01
N ARG B 90 1.26 -4.75 4.54
CA ARG B 90 1.80 -3.66 5.36
C ARG B 90 0.98 -3.46 6.64
N THR B 91 -0.32 -3.68 6.53
CA THR B 91 -1.18 -3.61 7.71
C THR B 91 -0.93 -4.77 8.65
N SER B 92 -0.85 -5.98 8.09
CA SER B 92 -0.60 -7.19 8.88
C SER B 92 0.70 -7.12 9.65
N THR B 93 1.77 -6.66 8.99
CA THR B 93 3.07 -6.58 9.65
C THR B 93 3.08 -5.52 10.73
N LEU B 94 2.44 -4.38 10.47
CA LEU B 94 2.40 -3.29 11.45
C LEU B 94 1.67 -3.73 12.71
N LEU B 95 0.52 -4.40 12.53
CA LEU B 95 -0.24 -4.83 13.71
C LEU B 95 0.47 -5.91 14.50
N ARG B 96 1.13 -6.83 13.80
CA ARG B 96 1.91 -7.86 14.50
C ARG B 96 3.02 -7.25 15.36
N LYS B 97 3.72 -6.25 14.82
CA LYS B 97 4.79 -5.60 15.57
C LYS B 97 4.26 -4.90 16.81
N ILE B 98 3.13 -4.21 16.66
CA ILE B 98 2.51 -3.51 17.78
C ILE B 98 2.06 -4.51 18.86
N ASN B 99 1.50 -5.63 18.45
CA ASN B 99 1.09 -6.66 19.41
C ASN B 99 2.29 -7.21 20.17
N GLN B 100 3.45 -7.22 19.53
CA GLN B 100 4.67 -7.72 20.18
C GLN B 100 5.33 -6.62 21.00
N GLY B 101 4.82 -5.40 20.89
CA GLY B 101 5.41 -4.27 21.59
C GLY B 101 6.67 -3.79 20.90
N ASP B 102 6.86 -4.21 19.65
CA ASP B 102 8.02 -3.81 18.86
C ASP B 102 7.75 -2.47 18.18
N ILE B 103 7.81 -1.40 18.96
CA ILE B 103 7.45 -0.09 18.45
C ILE B 103 8.55 0.42 17.52
N LYS B 104 9.78 0.03 17.82
CA LYS B 104 10.93 0.35 16.97
C LYS B 104 10.74 -0.21 15.55
N GLY B 105 10.36 -1.48 15.44
CA GLY B 105 10.13 -2.08 14.15
C GLY B 105 8.95 -1.47 13.43
N ALA B 106 7.89 -1.17 14.19
CA ALA B 106 6.71 -0.54 13.60
C ALA B 106 7.09 0.83 13.09
N CYS B 107 7.85 1.57 13.90
CA CYS B 107 8.31 2.90 13.51
C CYS B 107 9.17 2.85 12.24
N ASP B 108 10.12 1.92 12.22
CA ASP B 108 10.97 1.75 11.05
C ASP B 108 10.15 1.51 9.78
N GLN B 109 9.13 0.67 9.88
CA GLN B 109 8.26 0.40 8.73
C GLN B 109 7.60 1.67 8.24
N LEU B 110 6.97 2.40 9.16
CA LEU B 110 6.27 3.62 8.79
C LEU B 110 7.22 4.64 8.17
N ARG B 111 8.42 4.75 8.73
CA ARG B 111 9.35 5.78 8.27
C ARG B 111 9.75 5.57 6.82
N ARG B 112 9.96 4.31 6.45
CA ARG B 112 10.28 3.99 5.05
C ARG B 112 9.22 4.51 4.09
N TRP B 113 7.95 4.34 4.48
CA TRP B 113 6.86 4.72 3.58
C TRP B 113 6.53 6.20 3.60
N THR B 114 6.84 6.88 4.70
CA THR B 114 6.72 8.33 4.69
C THR B 114 7.72 8.89 3.67
N TYR B 115 8.91 8.32 3.67
CA TYR B 115 9.95 8.76 2.73
C TYR B 115 9.55 8.57 1.27
N ALA B 116 8.77 7.53 0.98
CA ALA B 116 8.33 7.29 -0.40
C ALA B 116 7.44 8.40 -0.92
N GLY B 117 6.88 9.17 0.00
CA GLY B 117 5.99 10.26 -0.34
C GLY B 117 4.71 9.79 -1.02
N GLY B 118 4.25 10.57 -1.98
CA GLY B 118 2.98 10.31 -2.64
C GLY B 118 1.98 11.35 -2.22
N LYS B 119 1.17 11.81 -3.15
CA LYS B 119 0.23 12.90 -2.88
C LYS B 119 -1.13 12.41 -2.40
N GLN B 120 -1.35 11.10 -2.40
CA GLN B 120 -2.65 10.55 -2.02
C GLN B 120 -2.68 10.08 -0.58
N TRP B 121 -3.46 10.76 0.25
CA TRP B 121 -3.64 10.39 1.66
C TRP B 121 -4.87 11.12 2.21
N LYS B 122 -5.86 10.36 2.65
CA LYS B 122 -7.17 10.90 2.96
C LYS B 122 -7.44 10.95 4.46
N GLY B 123 -8.26 11.93 4.87
CA GLY B 123 -8.63 12.05 6.27
C GLY B 123 -8.06 13.30 6.88
N LEU B 124 -8.14 13.40 8.20
CA LEU B 124 -7.71 14.61 8.88
C LEU B 124 -6.31 14.50 9.49
N MET B 125 -5.76 13.28 9.48
CA MET B 125 -4.39 13.07 9.92
C MET B 125 -3.47 12.97 8.71
N THR B 126 -2.30 13.59 8.78
CA THR B 126 -1.29 13.41 7.75
C THR B 126 -0.52 12.12 7.98
N ARG B 127 0.18 11.67 6.94
CA ARG B 127 1.09 10.54 7.01
C ARG B 127 2.08 10.72 8.16
N ARG B 128 2.65 11.91 8.27
CA ARG B 128 3.64 12.15 9.31
C ARG B 128 3.05 12.17 10.71
N GLU B 129 1.80 12.65 10.83
CA GLU B 129 1.12 12.64 12.12
C GLU B 129 0.85 11.22 12.61
N ILE B 130 0.48 10.34 11.69
CA ILE B 130 0.31 8.94 12.05
C ILE B 130 1.64 8.32 12.44
N GLU B 131 2.69 8.60 11.66
CA GLU B 131 4.00 8.08 11.98
C GLU B 131 4.41 8.53 13.38
N ARG B 132 4.16 9.80 13.69
CA ARG B 132 4.53 10.36 14.99
CA ARG B 132 4.55 10.35 14.99
C ARG B 132 3.86 9.60 16.14
N GLU B 133 2.59 9.26 15.97
CA GLU B 133 1.87 8.60 17.06
C GLU B 133 2.35 7.20 17.40
N ILE B 134 2.98 6.53 16.44
CA ILE B 134 3.58 5.24 16.70
C ILE B 134 5.04 5.43 17.13
N CYS B 135 5.77 6.26 16.39
CA CYS B 135 7.19 6.42 16.64
C CYS B 135 7.52 7.05 17.99
N LEU B 136 6.68 7.98 18.44
CA LEU B 136 6.99 8.68 19.70
C LEU B 136 6.89 7.76 20.89
N TRP B 137 6.19 6.65 20.71
CA TRP B 137 6.07 5.64 21.75
C TRP B 137 7.22 4.64 21.74
N GLY B 138 8.25 4.94 20.94
CA GLY B 138 9.39 4.06 20.83
C GLY B 138 10.55 4.47 21.72
#